data_4JGU
#
_entry.id   4JGU
#
_cell.length_a   49.387
_cell.length_b   38.869
_cell.length_c   54.657
_cell.angle_alpha   90.00
_cell.angle_beta   98.43
_cell.angle_gamma   90.00
#
_symmetry.space_group_name_H-M   'P 1 21 1'
#
loop_
_entity.id
_entity.type
_entity.pdbx_description
1 polymer 'ColH protein'
2 non-polymer 'CALCIUM ION'
3 non-polymer 'SULFATE ION'
4 water water
#
_entity_poly.entity_id   1
_entity_poly.type   'polypeptide(L)'
_entity_poly.pdbx_seq_one_letter_code
;AEIKDLSENKLPVIYMHVPKSGALNQKVVFYGKGTYDPDGSIAGYQWDFGDGSDFSSEQNPSHVYTKKGEYTVTLRVMDS
SGQMSEKTMKIKITD
;
_entity_poly.pdbx_strand_id   A,B
#
loop_
_chem_comp.id
_chem_comp.type
_chem_comp.name
_chem_comp.formula
CA non-polymer 'CALCIUM ION' 'Ca 2'
SO4 non-polymer 'SULFATE ION' 'O4 S -2'
#
# COMPACT_ATOMS: atom_id res chain seq x y z
N ALA A 1 2.21 31.73 22.03
CA ALA A 1 1.67 30.34 21.89
C ALA A 1 1.92 29.50 23.17
N GLU A 2 0.85 28.91 23.73
CA GLU A 2 0.97 27.96 24.88
C GLU A 2 1.70 26.67 24.46
N ILE A 3 2.45 26.12 25.40
CA ILE A 3 3.04 24.82 25.18
C ILE A 3 1.94 23.77 25.08
N LYS A 4 2.04 22.92 24.07
CA LYS A 4 1.06 21.85 23.86
C LYS A 4 1.48 20.61 24.65
N ASP A 5 0.52 20.00 25.29
CA ASP A 5 0.80 18.86 26.11
C ASP A 5 1.16 17.64 25.23
N LEU A 6 2.05 16.78 25.71
CA LEU A 6 2.37 15.51 25.06
C LEU A 6 1.16 14.63 24.81
N SER A 7 0.12 14.76 25.65
CA SER A 7 -1.08 13.95 25.43
C SER A 7 -1.79 14.25 24.12
N GLU A 8 -1.51 15.41 23.49
CA GLU A 8 -2.11 15.79 22.20
C GLU A 8 -1.33 15.19 21.02
N ASN A 9 -0.21 14.51 21.29
CA ASN A 9 0.61 13.96 20.19
C ASN A 9 -0.14 12.94 19.40
N LYS A 10 -0.08 13.04 18.08
CA LYS A 10 -0.58 11.97 17.19
C LYS A 10 0.45 10.87 17.04
N LEU A 11 -0.03 9.62 17.16
CA LEU A 11 0.87 8.47 17.11
C LEU A 11 1.30 8.20 15.66
N PRO A 12 2.39 7.46 15.50
CA PRO A 12 2.82 7.09 14.17
C PRO A 12 1.85 6.08 13.52
N VAL A 13 1.69 6.24 12.21
CA VAL A 13 0.86 5.36 11.40
C VAL A 13 1.76 4.39 10.63
N ILE A 14 1.59 3.11 10.89
CA ILE A 14 2.50 2.09 10.34
C ILE A 14 2.03 1.58 8.99
N TYR A 15 2.96 1.58 8.03
CA TYR A 15 2.70 0.86 6.76
C TYR A 15 3.67 -0.31 6.80
N MET A 16 3.12 -1.52 6.76
CA MET A 16 3.93 -2.73 7.00
C MET A 16 3.64 -3.73 5.89
N HIS A 17 4.63 -3.99 5.07
CA HIS A 17 4.46 -4.97 3.99
C HIS A 17 5.31 -6.21 4.28
N VAL A 18 4.66 -7.28 4.67
CA VAL A 18 5.26 -8.59 4.87
C VAL A 18 4.59 -9.52 3.85
N PRO A 19 5.39 -10.14 2.93
CA PRO A 19 4.69 -11.09 1.99
C PRO A 19 4.04 -12.24 2.71
N LYS A 20 2.94 -12.73 2.14
CA LYS A 20 2.24 -13.82 2.79
C LYS A 20 3.09 -15.11 2.82
N SER A 21 4.01 -15.27 1.86
CA SER A 21 4.77 -16.50 1.70
C SER A 21 6.24 -16.13 1.56
N GLY A 22 7.12 -17.04 2.01
CA GLY A 22 8.53 -16.94 1.72
C GLY A 22 9.06 -18.36 1.67
N ALA A 23 10.34 -18.51 1.25
CA ALA A 23 10.93 -19.81 1.01
C ALA A 23 12.03 -20.11 2.02
N LEU A 24 12.09 -21.37 2.43
CA LEU A 24 13.08 -21.82 3.37
C LEU A 24 14.48 -21.44 2.91
N ASN A 25 15.28 -20.83 3.81
CA ASN A 25 16.69 -20.50 3.50
C ASN A 25 16.92 -19.47 2.41
N GLN A 26 15.89 -18.73 2.03
CA GLN A 26 15.99 -17.68 1.04
C GLN A 26 15.65 -16.33 1.60
N LYS A 27 16.39 -15.31 1.26
CA LYS A 27 16.14 -13.95 1.76
C LYS A 27 14.77 -13.48 1.38
N VAL A 28 14.06 -12.95 2.37
CA VAL A 28 12.81 -12.19 2.12
CA VAL A 28 12.81 -12.20 2.13
C VAL A 28 13.02 -10.78 2.65
N VAL A 29 12.35 -9.80 2.05
CA VAL A 29 12.45 -8.41 2.45
C VAL A 29 11.08 -7.90 2.91
N PHE A 30 11.06 -7.24 4.09
CA PHE A 30 9.87 -6.61 4.62
C PHE A 30 10.01 -5.10 4.48
N TYR A 31 8.90 -4.41 4.30
CA TYR A 31 8.99 -2.97 4.10
C TYR A 31 8.14 -2.16 5.09
N GLY A 32 8.81 -1.22 5.74
CA GLY A 32 8.12 -0.22 6.53
C GLY A 32 7.94 1.08 5.83
N LYS A 33 8.42 1.18 4.57
CA LYS A 33 8.31 2.40 3.76
C LYS A 33 6.90 2.93 3.76
N GLY A 34 6.79 4.25 3.95
CA GLY A 34 5.49 4.93 4.01
C GLY A 34 5.02 5.19 5.41
N THR A 35 5.51 4.44 6.37
CA THR A 35 5.23 4.71 7.80
C THR A 35 5.52 6.20 8.06
N TYR A 36 4.60 6.83 8.77
CA TYR A 36 4.73 8.32 8.95
C TYR A 36 4.14 8.75 10.24
N ASP A 37 4.55 9.95 10.67
CA ASP A 37 4.01 10.54 11.85
C ASP A 37 3.18 11.76 11.43
N PRO A 38 1.85 11.73 11.63
CA PRO A 38 1.01 12.84 11.09
C PRO A 38 1.46 14.22 11.57
N ASP A 39 1.99 14.32 12.78
CA ASP A 39 2.39 15.63 13.30
C ASP A 39 3.85 15.71 13.70
N GLY A 40 4.70 14.93 13.03
CA GLY A 40 6.14 14.92 13.38
C GLY A 40 6.92 14.08 12.42
N SER A 41 7.79 13.25 12.98
CA SER A 41 8.57 12.38 12.13
C SER A 41 8.75 11.04 12.84
N ILE A 42 9.18 10.05 12.07
CA ILE A 42 9.50 8.74 12.61
C ILE A 42 10.89 8.74 13.18
N ALA A 43 11.01 8.22 14.41
CA ALA A 43 12.29 8.15 15.08
C ALA A 43 12.91 6.76 15.12
N GLY A 44 12.10 5.70 15.02
CA GLY A 44 12.71 4.34 15.04
C GLY A 44 11.72 3.23 14.70
N TYR A 45 12.32 2.12 14.21
CA TYR A 45 11.63 0.91 13.87
C TYR A 45 12.17 -0.24 14.70
N GLN A 46 11.32 -1.22 15.00
CA GLN A 46 11.79 -2.43 15.69
C GLN A 46 10.98 -3.62 15.15
N TRP A 47 11.65 -4.50 14.40
CA TRP A 47 10.98 -5.68 13.83
C TRP A 47 11.35 -6.91 14.63
N ASP A 48 10.34 -7.66 15.02
CA ASP A 48 10.51 -9.00 15.58
C ASP A 48 10.08 -9.95 14.44
N PHE A 49 11.00 -10.77 13.98
CA PHE A 49 10.75 -11.72 12.89
C PHE A 49 9.93 -12.91 13.27
N GLY A 50 9.75 -13.11 14.58
CA GLY A 50 8.90 -14.20 15.08
C GLY A 50 9.59 -15.55 15.19
N ASP A 51 10.89 -15.60 14.95
CA ASP A 51 11.64 -16.84 14.96
C ASP A 51 12.78 -16.83 16.03
N GLY A 52 12.77 -15.87 16.98
CA GLY A 52 13.76 -15.84 18.02
C GLY A 52 15.02 -15.11 17.67
N SER A 53 15.08 -14.52 16.47
CA SER A 53 16.26 -13.79 16.01
C SER A 53 16.35 -12.45 16.73
N ASP A 54 17.51 -11.85 16.69
CA ASP A 54 17.65 -10.44 17.17
C ASP A 54 16.68 -9.53 16.40
N PHE A 55 16.07 -8.59 17.08
CA PHE A 55 15.22 -7.66 16.42
C PHE A 55 16.02 -6.77 15.45
N SER A 56 15.34 -6.25 14.46
CA SER A 56 15.96 -5.31 13.52
C SER A 56 15.46 -3.89 13.73
N SER A 57 16.37 -2.92 13.66
CA SER A 57 16.06 -1.50 13.74
C SER A 57 15.94 -0.85 12.37
N GLU A 58 15.96 -1.67 11.32
CA GLU A 58 15.91 -1.16 9.94
C GLU A 58 14.48 -0.78 9.55
N GLN A 59 14.34 0.09 8.56
CA GLN A 59 13.01 0.36 8.01
C GLN A 59 12.54 -0.84 7.19
N ASN A 60 13.42 -1.38 6.35
CA ASN A 60 13.02 -2.39 5.37
C ASN A 60 14.01 -3.59 5.44
N PRO A 61 13.91 -4.41 6.48
CA PRO A 61 14.90 -5.46 6.74
C PRO A 61 14.76 -6.65 5.81
N SER A 62 15.90 -7.27 5.51
CA SER A 62 15.88 -8.58 4.85
C SER A 62 16.10 -9.64 5.97
N HIS A 63 15.64 -10.85 5.70
CA HIS A 63 15.74 -11.90 6.73
C HIS A 63 15.67 -13.25 6.04
N VAL A 64 16.33 -14.23 6.64
CA VAL A 64 16.28 -15.64 6.16
C VAL A 64 15.63 -16.45 7.26
N TYR A 65 14.53 -17.16 6.94
CA TYR A 65 13.95 -18.07 7.88
C TYR A 65 14.52 -19.50 7.62
N THR A 66 14.96 -20.17 8.66
CA THR A 66 15.71 -21.43 8.55
C THR A 66 14.94 -22.64 8.94
N LYS A 67 13.63 -22.49 9.11
CA LYS A 67 12.71 -23.64 9.26
C LYS A 67 11.36 -23.29 8.63
N LYS A 68 10.69 -24.28 8.02
CA LYS A 68 9.32 -24.07 7.56
C LYS A 68 8.40 -23.76 8.72
N GLY A 69 7.32 -23.05 8.43
CA GLY A 69 6.30 -22.78 9.47
C GLY A 69 5.67 -21.43 9.25
N GLU A 70 4.80 -21.04 10.17
CA GLU A 70 4.13 -19.73 10.11
C GLU A 70 4.76 -18.89 11.21
N TYR A 71 5.13 -17.65 10.89
CA TYR A 71 5.78 -16.78 11.83
C TYR A 71 4.98 -15.51 11.96
N THR A 72 4.82 -15.05 13.20
CA THR A 72 4.19 -13.73 13.43
C THR A 72 5.31 -12.69 13.45
N VAL A 73 5.16 -11.69 12.59
CA VAL A 73 6.11 -10.60 12.51
C VAL A 73 5.47 -9.41 13.22
N THR A 74 6.23 -8.81 14.13
CA THR A 74 5.73 -7.64 14.82
C THR A 74 6.60 -6.44 14.52
N LEU A 75 5.98 -5.32 14.15
CA LEU A 75 6.69 -4.06 13.95
C LEU A 75 6.20 -3.05 14.94
N ARG A 76 7.14 -2.50 15.76
CA ARG A 76 6.86 -1.36 16.62
C ARG A 76 7.60 -0.15 16.09
N VAL A 77 6.92 1.00 16.13
CA VAL A 77 7.52 2.25 15.59
C VAL A 77 7.38 3.31 16.63
N MET A 78 8.41 4.13 16.76
CA MET A 78 8.44 5.27 17.69
C MET A 78 8.46 6.56 16.88
N ASP A 79 7.74 7.59 17.33
CA ASP A 79 7.79 8.89 16.67
C ASP A 79 8.71 9.87 17.38
N SER A 80 8.69 11.12 16.91
CA SER A 80 9.59 12.15 17.42
C SER A 80 9.17 12.69 18.80
N SER A 81 8.07 12.16 19.40
CA SER A 81 7.70 12.45 20.75
C SER A 81 7.90 11.24 21.65
N GLY A 82 8.57 10.18 21.16
CA GLY A 82 8.82 9.01 21.98
C GLY A 82 7.64 8.08 22.19
N GLN A 83 6.56 8.26 21.40
CA GLN A 83 5.36 7.49 21.53
C GLN A 83 5.26 6.44 20.42
N MET A 84 4.57 5.35 20.73
CA MET A 84 4.69 4.14 19.86
C MET A 84 3.39 3.63 19.28
N SER A 85 3.52 2.96 18.12
CA SER A 85 2.42 2.16 17.52
C SER A 85 3.01 0.78 17.21
N GLU A 86 2.13 -0.18 17.01
CA GLU A 86 2.54 -1.54 16.66
C GLU A 86 1.55 -2.15 15.63
N LYS A 87 2.04 -3.09 14.82
CA LYS A 87 1.24 -3.88 13.87
C LYS A 87 1.89 -5.25 13.78
N THR A 88 1.07 -6.26 13.42
CA THR A 88 1.59 -7.57 13.16
C THR A 88 1.12 -8.08 11.83
N MET A 89 1.90 -9.02 11.27
CA MET A 89 1.52 -9.75 10.05
C MET A 89 2.04 -11.16 10.16
N LYS A 90 1.55 -12.06 9.35
CA LYS A 90 2.02 -13.46 9.34
C LYS A 90 2.70 -13.78 8.02
N ILE A 91 3.83 -14.51 8.11
CA ILE A 91 4.45 -15.08 6.92
C ILE A 91 4.53 -16.59 7.02
N LYS A 92 4.16 -17.28 5.94
CA LYS A 92 4.26 -18.75 5.92
C LYS A 92 5.46 -19.15 5.12
N ILE A 93 6.41 -19.90 5.73
CA ILE A 93 7.64 -20.31 5.08
C ILE A 93 7.48 -21.73 4.62
N THR A 94 7.67 -21.96 3.32
CA THR A 94 7.57 -23.33 2.75
C THR A 94 8.89 -23.63 2.06
N ASP A 95 9.06 -24.83 1.53
CA ASP A 95 10.28 -25.11 0.76
C ASP A 95 10.37 -24.25 -0.46
N ALA B 1 -18.09 -23.09 -34.74
CA ALA B 1 -17.78 -21.67 -35.09
C ALA B 1 -16.24 -21.46 -35.05
N GLU B 2 -15.69 -20.60 -35.93
CA GLU B 2 -14.26 -20.34 -35.82
C GLU B 2 -14.07 -19.70 -34.41
N ILE B 3 -12.91 -20.01 -33.87
CA ILE B 3 -12.44 -19.39 -32.66
C ILE B 3 -12.01 -17.97 -33.02
N LYS B 4 -12.48 -17.00 -32.23
CA LYS B 4 -12.13 -15.59 -32.46
C LYS B 4 -10.77 -15.29 -31.85
N ASP B 5 -9.96 -14.55 -32.58
CA ASP B 5 -8.66 -14.24 -32.08
C ASP B 5 -8.77 -13.20 -30.93
N LEU B 6 -7.89 -13.33 -29.94
CA LEU B 6 -7.72 -12.29 -28.90
C LEU B 6 -7.54 -10.87 -29.45
N SER B 7 -7.00 -10.73 -30.65
CA SER B 7 -6.84 -9.42 -31.26
C SER B 7 -8.15 -8.69 -31.48
N GLU B 8 -9.26 -9.40 -31.48
CA GLU B 8 -10.60 -8.82 -31.74
C GLU B 8 -11.21 -8.28 -30.45
N ASN B 9 -10.62 -8.59 -29.31
CA ASN B 9 -11.22 -8.19 -28.07
C ASN B 9 -11.37 -6.67 -27.94
N LYS B 10 -12.52 -6.22 -27.38
CA LYS B 10 -12.70 -4.82 -27.04
C LYS B 10 -12.22 -4.56 -25.59
N LEU B 11 -11.47 -3.47 -25.42
CA LEU B 11 -10.82 -3.17 -24.18
C LEU B 11 -11.80 -2.52 -23.19
N PRO B 12 -11.50 -2.63 -21.86
CA PRO B 12 -12.40 -2.01 -20.89
C PRO B 12 -12.55 -0.48 -21.10
N VAL B 13 -13.75 0.00 -20.76
CA VAL B 13 -14.07 1.44 -20.76
C VAL B 13 -14.05 1.90 -19.33
N ILE B 14 -13.11 2.81 -19.02
CA ILE B 14 -12.88 3.23 -17.65
C ILE B 14 -13.69 4.51 -17.35
N TYR B 15 -14.31 4.52 -16.15
CA TYR B 15 -14.82 5.72 -15.55
C TYR B 15 -14.01 5.93 -14.32
N MET B 16 -13.37 7.10 -14.19
CA MET B 16 -12.40 7.33 -13.10
C MET B 16 -12.73 8.70 -12.47
N HIS B 17 -12.95 8.69 -11.16
CA HIS B 17 -13.23 9.95 -10.46
C HIS B 17 -12.18 10.15 -9.38
N VAL B 18 -11.44 11.24 -9.52
CA VAL B 18 -10.38 11.60 -8.55
C VAL B 18 -10.66 13.09 -8.33
N PRO B 19 -10.87 13.54 -7.07
CA PRO B 19 -11.05 14.97 -6.85
C PRO B 19 -9.89 15.78 -7.28
N LYS B 20 -10.13 17.04 -7.65
CA LYS B 20 -9.00 17.89 -8.09
C LYS B 20 -8.12 18.24 -6.87
N SER B 21 -8.72 18.25 -5.66
CA SER B 21 -8.04 18.64 -4.45
C SER B 21 -8.27 17.61 -3.38
N GLY B 22 -7.28 17.49 -2.49
CA GLY B 22 -7.48 16.73 -1.25
C GLY B 22 -6.67 17.35 -0.12
N ALA B 23 -6.86 16.88 1.10
CA ALA B 23 -6.22 17.46 2.26
C ALA B 23 -5.16 16.55 2.85
N LEU B 24 -4.06 17.18 3.27
CA LEU B 24 -2.98 16.43 3.92
C LEU B 24 -3.49 15.63 5.08
N ASN B 25 -3.07 14.34 5.12
CA ASN B 25 -3.39 13.47 6.27
C ASN B 25 -4.84 13.05 6.37
N GLN B 26 -5.65 13.40 5.37
CA GLN B 26 -7.05 13.08 5.42
C GLN B 26 -7.44 12.10 4.34
N LYS B 27 -8.34 11.19 4.63
CA LYS B 27 -8.77 10.23 3.62
C LYS B 27 -9.49 10.92 2.44
N VAL B 28 -9.11 10.53 1.25
CA VAL B 28 -9.85 10.93 0.00
C VAL B 28 -10.28 9.67 -0.71
N VAL B 29 -11.49 9.66 -1.29
CA VAL B 29 -12.01 8.45 -1.93
C VAL B 29 -12.00 8.68 -3.46
N PHE B 30 -11.45 7.69 -4.17
CA PHE B 30 -11.48 7.69 -5.62
C PHE B 30 -12.47 6.63 -6.08
N TYR B 31 -13.01 6.80 -7.28
CA TYR B 31 -14.00 5.83 -7.79
C TYR B 31 -13.68 5.35 -9.18
N GLY B 32 -13.83 4.02 -9.36
CA GLY B 32 -13.82 3.34 -10.64
C GLY B 32 -15.21 2.89 -11.04
N LYS B 33 -16.25 3.23 -10.25
CA LYS B 33 -17.62 2.79 -10.49
C LYS B 33 -18.05 3.20 -11.91
N GLY B 34 -18.71 2.28 -12.58
CA GLY B 34 -19.17 2.52 -13.99
C GLY B 34 -18.28 1.86 -15.03
N THR B 35 -17.05 1.62 -14.66
CA THR B 35 -16.10 0.93 -15.57
C THR B 35 -16.74 -0.39 -16.04
N TYR B 36 -16.63 -0.66 -17.33
CA TYR B 36 -17.29 -1.89 -17.87
C TYR B 36 -16.55 -2.35 -19.09
N ASP B 37 -16.78 -3.61 -19.47
CA ASP B 37 -16.15 -4.20 -20.64
C ASP B 37 -17.26 -4.35 -21.70
N PRO B 38 -17.11 -3.67 -22.87
CA PRO B 38 -18.14 -3.75 -23.91
C PRO B 38 -18.47 -5.15 -24.40
N ASP B 39 -17.53 -6.08 -24.31
CA ASP B 39 -17.79 -7.43 -24.83
C ASP B 39 -17.49 -8.50 -23.81
N GLY B 40 -17.50 -8.12 -22.54
CA GLY B 40 -17.12 -9.12 -21.50
C GLY B 40 -17.41 -8.60 -20.13
N SER B 41 -16.45 -8.78 -19.23
CA SER B 41 -16.57 -8.33 -17.86
C SER B 41 -15.25 -7.75 -17.38
N ILE B 42 -15.34 -6.95 -16.33
CA ILE B 42 -14.11 -6.44 -15.66
C ILE B 42 -13.56 -7.48 -14.74
N ALA B 43 -12.27 -7.71 -14.84
CA ALA B 43 -11.57 -8.69 -14.01
C ALA B 43 -10.77 -8.07 -12.86
N GLY B 44 -10.24 -6.84 -13.03
CA GLY B 44 -9.46 -6.22 -11.92
C GLY B 44 -9.12 -4.79 -12.14
N TYR B 45 -8.80 -4.14 -11.04
CA TYR B 45 -8.43 -2.71 -10.96
C TYR B 45 -7.01 -2.62 -10.38
N GLN B 46 -6.23 -1.61 -10.80
CA GLN B 46 -4.93 -1.29 -10.18
C GLN B 46 -4.75 0.20 -10.16
N TRP B 47 -4.77 0.77 -8.94
CA TRP B 47 -4.63 2.21 -8.77
C TRP B 47 -3.20 2.47 -8.28
N ASP B 48 -2.50 3.33 -9.00
CA ASP B 48 -1.24 3.94 -8.56
C ASP B 48 -1.58 5.35 -8.06
N PHE B 49 -1.35 5.62 -6.77
CA PHE B 49 -1.71 6.91 -6.20
C PHE B 49 -0.73 8.00 -6.53
N GLY B 50 0.46 7.62 -7.10
CA GLY B 50 1.41 8.63 -7.55
C GLY B 50 2.39 9.09 -6.45
N ASP B 51 2.32 8.46 -5.27
CA ASP B 51 3.10 8.86 -4.12
C ASP B 51 4.07 7.75 -3.66
N GLY B 52 4.24 6.70 -4.43
CA GLY B 52 5.13 5.61 -4.03
C GLY B 52 4.54 4.62 -3.10
N SER B 53 3.25 4.78 -2.76
CA SER B 53 2.61 3.80 -1.88
C SER B 53 2.23 2.51 -2.63
N ASP B 54 1.90 1.46 -1.89
CA ASP B 54 1.50 0.21 -2.52
C ASP B 54 0.24 0.47 -3.43
N PHE B 55 0.20 -0.18 -4.59
CA PHE B 55 -0.97 0.01 -5.43
C PHE B 55 -2.20 -0.62 -4.77
N SER B 56 -3.39 -0.14 -5.13
CA SER B 56 -4.65 -0.77 -4.66
C SER B 56 -5.33 -1.53 -5.77
N SER B 57 -5.86 -2.68 -5.38
CA SER B 57 -6.71 -3.50 -6.25
C SER B 57 -8.22 -3.26 -6.10
N GLU B 58 -8.60 -2.23 -5.34
CA GLU B 58 -9.97 -1.92 -5.07
C GLU B 58 -10.61 -1.20 -6.26
N GLN B 59 -11.93 -1.30 -6.39
CA GLN B 59 -12.60 -0.46 -7.37
C GLN B 59 -12.60 1.01 -6.98
N ASN B 60 -12.90 1.28 -5.70
CA ASN B 60 -13.11 2.64 -5.20
C ASN B 60 -12.30 2.83 -3.92
N PRO B 61 -10.97 2.98 -4.06
CA PRO B 61 -10.11 3.03 -2.90
C PRO B 61 -10.19 4.36 -2.15
N SER B 62 -9.99 4.28 -0.82
CA SER B 62 -9.66 5.46 0.00
C SER B 62 -8.17 5.53 0.16
N HIS B 63 -7.63 6.76 0.21
CA HIS B 63 -6.17 6.92 0.36
C HIS B 63 -5.89 8.15 1.20
N VAL B 64 -4.77 8.14 1.89
CA VAL B 64 -4.25 9.31 2.63
C VAL B 64 -2.92 9.71 2.02
N TYR B 65 -2.84 10.96 1.54
CA TYR B 65 -1.58 11.54 1.13
C TYR B 65 -0.91 12.24 2.29
N THR B 66 0.38 12.00 2.45
CA THR B 66 1.08 12.39 3.68
C THR B 66 2.08 13.49 3.47
N LYS B 67 2.10 14.06 2.26
CA LYS B 67 2.92 15.25 1.94
C LYS B 67 2.08 16.08 0.97
N LYS B 68 2.12 17.42 1.14
CA LYS B 68 1.50 18.31 0.18
C LYS B 68 2.21 18.18 -1.18
N GLY B 69 1.43 18.44 -2.25
CA GLY B 69 1.93 18.45 -3.59
C GLY B 69 0.96 17.95 -4.59
N GLU B 70 1.43 17.85 -5.82
CA GLU B 70 0.58 17.36 -6.88
C GLU B 70 0.96 15.91 -7.19
N TYR B 71 -0.03 15.06 -7.43
CA TYR B 71 0.25 13.67 -7.70
C TYR B 71 -0.55 13.24 -8.95
N THR B 72 0.07 12.40 -9.75
CA THR B 72 -0.60 11.75 -10.86
C THR B 72 -1.12 10.40 -10.41
N VAL B 73 -2.46 10.23 -10.56
CA VAL B 73 -3.09 8.94 -10.23
C VAL B 73 -3.30 8.18 -11.51
N THR B 74 -2.87 6.94 -11.55
CA THR B 74 -3.00 6.09 -12.74
C THR B 74 -3.87 4.89 -12.40
N LEU B 75 -4.96 4.70 -13.15
CA LEU B 75 -5.84 3.53 -12.98
C LEU B 75 -5.71 2.65 -14.20
N ARG B 76 -5.28 1.41 -13.96
CA ARG B 76 -5.28 0.39 -15.04
C ARG B 76 -6.32 -0.67 -14.72
N VAL B 77 -7.07 -1.06 -15.75
CA VAL B 77 -8.20 -2.01 -15.55
C VAL B 77 -7.99 -3.16 -16.52
N MET B 78 -8.21 -4.37 -16.01
CA MET B 78 -8.08 -5.59 -16.83
C MET B 78 -9.45 -6.16 -17.10
N ASP B 79 -9.66 -6.66 -18.32
CA ASP B 79 -10.95 -7.31 -18.63
C ASP B 79 -10.87 -8.81 -18.59
N SER B 80 -11.97 -9.47 -18.98
CA SER B 80 -12.11 -10.92 -18.95
C SER B 80 -11.27 -11.63 -20.01
N SER B 81 -10.55 -10.87 -20.87
CA SER B 81 -9.57 -11.45 -21.80
C SER B 81 -8.16 -11.16 -21.38
N GLY B 82 -7.95 -10.60 -20.16
CA GLY B 82 -6.62 -10.32 -19.67
C GLY B 82 -5.95 -9.09 -20.32
N GLN B 83 -6.76 -8.26 -20.99
CA GLN B 83 -6.24 -7.07 -21.62
C GLN B 83 -6.65 -5.78 -20.90
N MET B 84 -5.87 -4.73 -21.14
CA MET B 84 -5.92 -3.54 -20.23
C MET B 84 -6.30 -2.26 -20.91
N SER B 85 -6.93 -1.36 -20.13
CA SER B 85 -7.02 0.07 -20.44
C SER B 85 -6.43 0.86 -19.29
N GLU B 86 -6.16 2.14 -19.53
CA GLU B 86 -5.60 3.00 -18.53
C GLU B 86 -6.15 4.42 -18.65
N LYS B 87 -6.24 5.09 -17.51
CA LYS B 87 -6.58 6.53 -17.47
C LYS B 87 -5.74 7.14 -16.36
N THR B 88 -5.49 8.43 -16.51
CA THR B 88 -4.79 9.19 -15.46
C THR B 88 -5.51 10.46 -15.10
N MET B 89 -5.36 10.86 -13.83
CA MET B 89 -5.88 12.16 -13.34
C MET B 89 -4.86 12.78 -12.40
N LYS B 90 -5.02 14.04 -12.10
CA LYS B 90 -4.10 14.74 -11.21
C LYS B 90 -4.88 15.20 -9.95
N ILE B 91 -4.24 15.08 -8.78
CA ILE B 91 -4.83 15.59 -7.52
C ILE B 91 -3.80 16.52 -6.85
N LYS B 92 -4.25 17.64 -6.35
CA LYS B 92 -3.36 18.57 -5.58
C LYS B 92 -3.73 18.45 -4.11
N ILE B 93 -2.73 18.12 -3.31
CA ILE B 93 -2.90 17.96 -1.85
C ILE B 93 -2.44 19.23 -1.16
N THR B 94 -3.33 19.87 -0.42
CA THR B 94 -3.01 21.07 0.38
C THR B 94 -3.31 20.77 1.84
N ASP B 95 -3.08 21.71 2.75
CA ASP B 95 -3.56 21.50 4.12
C ASP B 95 -5.10 21.39 4.17
CA CA C . 3.66 12.38 16.57
S SO4 D . 19.63 -13.63 12.19
O1 SO4 D . 20.94 -13.34 11.60
O2 SO4 D . 19.75 -14.81 13.05
O3 SO4 D . 19.19 -12.47 12.97
O4 SO4 D . 18.67 -13.89 11.11
S SO4 E . -3.69 -4.69 9.28
O1 SO4 E . -3.15 -5.84 8.52
O2 SO4 E . -3.06 -4.59 10.60
O3 SO4 E . -3.48 -3.45 8.52
O4 SO4 E . -5.12 -4.87 9.46
CA CA F . -13.21 -7.25 -23.46
S SO4 G . -9.01 11.58 -20.08
O1 SO4 G . -8.37 12.58 -19.21
O2 SO4 G . -10.40 11.36 -19.65
O3 SO4 G . -8.97 12.13 -21.43
O4 SO4 G . -8.28 10.29 -20.08
#